data_3WT5
#
_entry.id   3WT5
#
_cell.length_a   127.840
_cell.length_b   44.810
_cell.length_c   46.060
_cell.angle_alpha   90.00
_cell.angle_beta   93.57
_cell.angle_gamma   90.00
#
_symmetry.space_group_name_H-M   'C 1 2 1'
#
loop_
_entity.id
_entity.type
_entity.pdbx_description
1 polymer 'Vitamin D3 receptor'
2 polymer 'Mediator of RNA polymerase II transcription subunit 1'
3 non-polymer (1R,3R,7E,17beta)-17-[(2R,3R)-3-butyl-6-hydroxy-6-methylheptan-2-yl]-2-methylidene-9,10-secoestra-5,7-diene-1,3-diol
4 water water
#
loop_
_entity_poly.entity_id
_entity_poly.type
_entity_poly.pdbx_seq_one_letter_code
_entity_poly.pdbx_strand_id
1 'polypeptide(L)'
;GSHMGSPNSPLKDSLRPKLSEEQQHIIAILLDAHHKTYDPTYADFRDFRPPVRMDGSTGSVTLDLSPLSMLPHLADLVSY
SIQKVIGFAKMIPGFRDLTSDDQIVLLKSSAIEVIMLRSNQSFTMDDMSWDCGSQDYKYDVTDVSKAGHTLELIEPLIKF
QVGLKKLNLHEEEHVLLMAICIVSPDRPGVQDAKLVEAIQDRLSNTLQTYIRCRHPPPGSHQLYAKMIQKLADLRSLNEE
HSKQYRSLSFQPENSMKLTPLVLEVFGNEIS
;
A
2 'polypeptide(L)' KNHPMLMNLLKDN C
#
loop_
_chem_comp.id
_chem_comp.type
_chem_comp.name
_chem_comp.formula
YA1 non-polymer (1R,3R,7E,17beta)-17-[(2R,3R)-3-butyl-6-hydroxy-6-methylheptan-2-yl]-2-methylidene-9,10-secoestra-5,7-diene-1,3-diol 'C31 H52 O3'
#
# COMPACT_ATOMS: atom_id res chain seq x y z
N LYS A 18 -14.40 16.93 -19.81
CA LYS A 18 -14.59 17.12 -18.33
C LYS A 18 -15.13 15.83 -17.65
N LEU A 19 -15.28 15.92 -16.32
CA LEU A 19 -15.53 14.72 -15.54
C LEU A 19 -16.95 14.27 -15.71
N SER A 20 -17.16 13.09 -16.26
CA SER A 20 -18.51 12.53 -16.34
C SER A 20 -19.08 12.12 -14.98
N GLU A 21 -20.35 11.76 -15.01
CA GLU A 21 -21.02 11.18 -13.86
C GLU A 21 -20.42 9.83 -13.50
N GLU A 22 -19.92 9.06 -14.48
CA GLU A 22 -19.42 7.72 -14.10
C GLU A 22 -18.05 7.94 -13.41
N GLN A 23 -17.25 8.87 -13.92
CA GLN A 23 -15.92 9.18 -13.39
C GLN A 23 -16.10 9.85 -11.99
N GLN A 24 -17.07 10.73 -11.84
CA GLN A 24 -17.37 11.26 -10.49
C GLN A 24 -17.82 10.22 -9.55
N HIS A 25 -18.62 9.26 -10.03
CA HIS A 25 -19.05 8.13 -9.22
C HIS A 25 -17.90 7.23 -8.76
N ILE A 26 -16.95 6.94 -9.66
CA ILE A 26 -15.75 6.15 -9.27
C ILE A 26 -15.01 6.84 -8.15
N ILE A 27 -14.76 8.11 -8.30
CA ILE A 27 -14.07 8.86 -7.28
C ILE A 27 -14.82 8.78 -5.95
N ALA A 28 -16.13 9.06 -5.98
CA ALA A 28 -16.96 9.06 -4.75
C ALA A 28 -16.82 7.74 -4.01
N ILE A 29 -16.89 6.67 -4.76
CA ILE A 29 -16.77 5.34 -4.23
C ILE A 29 -15.37 5.13 -3.53
N LEU A 30 -14.32 5.48 -4.25
CA LEU A 30 -12.92 5.35 -3.75
C LEU A 30 -12.65 6.22 -2.48
N LEU A 31 -13.13 7.44 -2.50
CA LEU A 31 -13.09 8.28 -1.25
C LEU A 31 -13.77 7.65 -0.04
N ASP A 32 -14.98 7.20 -0.23
CA ASP A 32 -15.73 6.53 0.79
C ASP A 32 -14.97 5.31 1.30
N ALA A 33 -14.47 4.52 0.32
CA ALA A 33 -13.64 3.32 0.67
C ALA A 33 -12.38 3.61 1.49
N HIS A 34 -11.66 4.65 1.12
CA HIS A 34 -10.46 5.00 1.79
C HIS A 34 -10.83 5.54 3.19
N HIS A 35 -11.84 6.38 3.29
CA HIS A 35 -12.23 6.91 4.57
C HIS A 35 -12.61 5.85 5.59
N LYS A 36 -13.31 4.81 5.17
CA LYS A 36 -13.64 3.79 6.10
C LYS A 36 -12.52 2.77 6.39
N THR A 37 -11.42 2.81 5.68
CA THR A 37 -10.33 1.89 5.90
C THR A 37 -9.01 2.62 6.34
N TYR A 38 -9.05 3.93 6.55
CA TYR A 38 -7.87 4.68 6.96
C TYR A 38 -8.29 5.70 8.03
N ASP A 39 -8.01 5.39 9.32
CA ASP A 39 -8.33 6.23 10.51
C ASP A 39 -7.15 7.14 10.71
N PRO A 40 -7.31 8.40 10.32
CA PRO A 40 -6.20 9.33 10.48
C PRO A 40 -5.90 9.72 11.91
N THR A 41 -6.62 9.17 12.86
CA THR A 41 -6.25 9.24 14.31
C THR A 41 -5.36 8.07 14.80
N TYR A 42 -5.30 6.99 14.03
CA TYR A 42 -4.41 5.91 14.37
C TYR A 42 -4.78 5.24 15.68
N ALA A 43 -6.09 5.22 16.04
CA ALA A 43 -6.45 4.83 17.40
C ALA A 43 -6.20 3.33 17.59
N ASP A 44 -6.30 2.51 16.56
CA ASP A 44 -6.12 1.10 16.69
C ASP A 44 -4.67 0.67 17.01
N PHE A 45 -3.72 1.56 16.85
CA PHE A 45 -2.26 1.18 17.04
C PHE A 45 -2.00 0.78 18.49
N ARG A 46 -2.81 1.27 19.41
CA ARG A 46 -2.70 0.90 20.81
C ARG A 46 -2.90 -0.57 21.03
N ASP A 47 -3.57 -1.24 20.12
CA ASP A 47 -3.74 -2.65 20.25
C ASP A 47 -2.59 -3.57 19.66
N PHE A 48 -1.65 -2.96 18.96
CA PHE A 48 -0.53 -3.66 18.46
C PHE A 48 0.43 -4.04 19.62
N ARG A 49 1.20 -5.10 19.41
CA ARG A 49 2.43 -5.31 20.33
C ARG A 49 3.17 -4.00 20.39
N PRO A 50 3.67 -3.61 21.58
CA PRO A 50 4.18 -2.28 21.71
C PRO A 50 5.53 -2.13 21.03
N PRO A 51 5.82 -0.92 20.57
CA PRO A 51 7.11 -0.63 20.02
C PRO A 51 8.19 -0.70 21.17
N VAL A 52 9.36 -1.18 20.80
CA VAL A 52 10.53 -1.25 21.73
C VAL A 52 11.72 -0.69 20.93
N ARG A 53 12.24 0.43 21.38
CA ARG A 53 13.32 1.15 20.72
C ARG A 53 14.35 1.25 21.82
N MET A 54 15.38 0.43 21.79
CA MET A 54 16.38 0.44 22.90
C MET A 54 17.62 1.23 22.49
N SER A 66 16.68 -6.34 20.43
CA SER A 66 16.31 -7.78 20.55
C SER A 66 16.98 -8.77 19.58
N PRO A 67 17.90 -8.30 18.68
CA PRO A 67 18.07 -6.87 18.33
C PRO A 67 16.83 -6.31 17.56
N LEU A 68 16.03 -7.19 16.94
CA LEU A 68 14.88 -6.76 16.13
C LEU A 68 13.69 -6.38 17.02
N SER A 69 13.92 -5.39 17.83
CA SER A 69 13.04 -5.02 18.88
C SER A 69 11.72 -4.38 18.34
N MET A 70 11.78 -3.84 17.13
CA MET A 70 10.61 -3.23 16.46
C MET A 70 9.82 -4.18 15.61
N LEU A 71 10.31 -5.39 15.40
CA LEU A 71 9.67 -6.34 14.45
C LEU A 71 8.22 -6.66 14.94
N PRO A 72 7.98 -6.91 16.26
CA PRO A 72 6.58 -7.24 16.69
C PRO A 72 5.58 -6.14 16.40
N HIS A 73 5.89 -4.92 16.82
CA HIS A 73 5.12 -3.79 16.50
C HIS A 73 4.86 -3.45 15.01
N LEU A 74 5.89 -3.51 14.17
CA LEU A 74 5.79 -3.22 12.78
C LEU A 74 5.19 -4.39 12.01
N ALA A 75 5.39 -5.62 12.46
CA ALA A 75 4.64 -6.76 11.85
C ALA A 75 3.11 -6.54 12.09
N ASP A 76 2.73 -6.13 13.29
CA ASP A 76 1.30 -5.89 13.59
C ASP A 76 0.78 -4.80 12.72
N LEU A 77 1.54 -3.69 12.61
CA LEU A 77 1.24 -2.56 11.78
C LEU A 77 1.02 -3.04 10.34
N VAL A 78 1.99 -3.80 9.78
CA VAL A 78 1.77 -4.35 8.46
C VAL A 78 0.49 -5.20 8.32
N SER A 79 0.26 -6.11 9.29
CA SER A 79 -0.81 -7.03 9.20
C SER A 79 -2.12 -6.26 9.26
N TYR A 80 -2.20 -5.32 10.18
CA TYR A 80 -3.34 -4.41 10.26
C TYR A 80 -3.53 -3.70 8.91
N SER A 81 -2.45 -3.25 8.28
CA SER A 81 -2.47 -2.53 7.04
C SER A 81 -2.94 -3.43 5.89
N ILE A 82 -2.53 -4.68 5.91
CA ILE A 82 -3.02 -5.63 4.85
C ILE A 82 -4.56 -5.69 4.97
N GLN A 83 -5.07 -5.88 6.17
CA GLN A 83 -6.55 -5.92 6.38
C GLN A 83 -7.19 -4.75 5.75
N LYS A 84 -6.65 -3.56 5.99
CA LYS A 84 -7.23 -2.33 5.50
C LYS A 84 -7.19 -2.19 4.01
N VAL A 85 -6.09 -2.59 3.35
CA VAL A 85 -5.93 -2.54 1.95
C VAL A 85 -6.94 -3.49 1.33
N ILE A 86 -7.19 -4.62 1.94
CA ILE A 86 -8.17 -5.61 1.41
C ILE A 86 -9.57 -4.97 1.47
N GLY A 87 -9.85 -4.28 2.56
CA GLY A 87 -11.19 -3.60 2.72
C GLY A 87 -11.33 -2.51 1.63
N PHE A 88 -10.24 -1.82 1.27
CA PHE A 88 -10.27 -0.79 0.26
C PHE A 88 -10.46 -1.45 -1.11
N ALA A 89 -9.65 -2.48 -1.38
CA ALA A 89 -9.71 -3.20 -2.64
C ALA A 89 -11.11 -3.70 -2.99
N LYS A 90 -11.76 -4.33 -2.05
CA LYS A 90 -13.08 -4.93 -2.28
C LYS A 90 -14.16 -3.88 -2.72
N MET A 91 -13.91 -2.61 -2.47
CA MET A 91 -14.77 -1.51 -2.87
C MET A 91 -14.45 -0.94 -4.25
N ILE A 92 -13.28 -1.27 -4.85
CA ILE A 92 -12.93 -0.73 -6.14
C ILE A 92 -13.95 -1.24 -7.17
N PRO A 93 -14.56 -0.31 -7.94
CA PRO A 93 -15.62 -0.79 -8.79
C PRO A 93 -15.10 -1.90 -9.76
N GLY A 94 -15.74 -3.02 -9.72
CA GLY A 94 -15.45 -4.14 -10.59
C GLY A 94 -14.51 -5.18 -10.00
N PHE A 95 -13.73 -4.81 -8.95
CA PHE A 95 -12.80 -5.77 -8.35
C PHE A 95 -13.44 -7.04 -7.80
N ARG A 96 -14.59 -6.85 -7.14
CA ARG A 96 -15.28 -7.96 -6.52
C ARG A 96 -15.92 -8.86 -7.64
N ASP A 97 -15.95 -8.39 -8.88
CA ASP A 97 -16.55 -9.10 -10.04
C ASP A 97 -15.53 -9.88 -10.82
N LEU A 98 -14.27 -9.84 -10.37
CA LEU A 98 -13.22 -10.72 -10.82
C LEU A 98 -13.32 -12.04 -10.09
N THR A 99 -12.71 -13.08 -10.62
CA THR A 99 -12.70 -14.34 -9.92
C THR A 99 -11.87 -14.15 -8.66
N SER A 100 -12.12 -15.06 -7.71
CA SER A 100 -11.45 -15.04 -6.40
C SER A 100 -10.01 -15.27 -6.55
N ASP A 101 -9.67 -16.14 -7.46
CA ASP A 101 -8.28 -16.42 -7.67
C ASP A 101 -7.55 -15.21 -8.20
N ASP A 102 -8.16 -14.48 -9.15
CA ASP A 102 -7.51 -13.26 -9.66
C ASP A 102 -7.47 -12.12 -8.56
N GLN A 103 -8.51 -12.05 -7.75
CA GLN A 103 -8.54 -11.07 -6.62
C GLN A 103 -7.37 -11.35 -5.70
N ILE A 104 -7.15 -12.62 -5.40
CA ILE A 104 -6.08 -13.02 -4.49
C ILE A 104 -4.69 -12.75 -5.09
N VAL A 105 -4.47 -13.09 -6.37
CA VAL A 105 -3.23 -12.75 -7.05
C VAL A 105 -2.91 -11.25 -7.00
N LEU A 106 -3.88 -10.43 -7.31
CA LEU A 106 -3.76 -8.94 -7.32
C LEU A 106 -3.44 -8.39 -5.96
N LEU A 107 -4.07 -8.93 -4.92
CA LEU A 107 -3.82 -8.43 -3.55
C LEU A 107 -2.48 -8.89 -3.01
N LYS A 108 -2.16 -10.16 -3.26
CA LYS A 108 -0.84 -10.64 -2.79
C LYS A 108 0.30 -9.86 -3.34
N SER A 109 0.23 -9.51 -4.62
CA SER A 109 1.33 -8.83 -5.36
C SER A 109 1.32 -7.35 -5.02
N SER A 110 0.17 -6.76 -4.84
CA SER A 110 0.16 -5.32 -4.58
C SER A 110 0.18 -4.88 -3.12
N ALA A 111 -0.11 -5.80 -2.16
CA ALA A 111 -0.30 -5.38 -0.79
C ALA A 111 0.84 -4.50 -0.28
N ILE A 112 2.10 -4.90 -0.46
CA ILE A 112 3.17 -4.02 0.08
C ILE A 112 3.24 -2.62 -0.54
N GLU A 113 2.99 -2.54 -1.84
CA GLU A 113 3.01 -1.34 -2.60
C GLU A 113 1.88 -0.41 -2.14
N VAL A 114 0.69 -0.98 -1.92
CA VAL A 114 -0.40 -0.06 -1.43
C VAL A 114 -0.13 0.36 0.01
N ILE A 115 0.47 -0.51 0.86
CA ILE A 115 0.93 -0.08 2.19
C ILE A 115 1.91 1.14 2.07
N MET A 116 2.85 1.00 1.18
CA MET A 116 3.77 2.10 0.92
C MET A 116 3.11 3.40 0.48
N LEU A 117 2.17 3.31 -0.43
CA LEU A 117 1.37 4.45 -0.91
C LEU A 117 0.59 5.07 0.18
N ARG A 118 -0.13 4.23 0.92
CA ARG A 118 -1.12 4.75 1.89
C ARG A 118 -0.33 5.35 3.03
N SER A 119 0.88 4.82 3.30
CA SER A 119 1.67 5.39 4.38
C SER A 119 2.06 6.84 4.13
N ASN A 120 2.02 7.29 2.88
CA ASN A 120 2.37 8.64 2.55
C ASN A 120 1.57 9.67 3.31
N GLN A 121 0.34 9.34 3.67
CA GLN A 121 -0.54 10.17 4.49
C GLN A 121 0.02 10.49 5.86
N SER A 122 0.75 9.58 6.48
CA SER A 122 1.45 9.89 7.79
C SER A 122 2.86 10.39 7.65
N PHE A 123 3.47 10.15 6.49
CA PHE A 123 4.90 10.50 6.25
C PHE A 123 5.05 12.03 6.31
N THR A 124 6.14 12.50 6.89
CA THR A 124 6.37 13.95 7.00
C THR A 124 7.88 14.18 6.64
N MET A 125 8.08 15.12 5.76
CA MET A 125 9.43 15.55 5.33
C MET A 125 10.15 16.41 6.41
N ASP A 126 9.40 16.92 7.37
CA ASP A 126 10.04 17.66 8.53
C ASP A 126 11.18 16.88 9.04
N ASP A 127 10.95 15.59 9.34
CA ASP A 127 12.00 14.71 9.85
C ASP A 127 12.28 13.42 9.05
N MET A 128 11.55 13.17 7.96
CA MET A 128 11.67 11.86 7.26
C MET A 128 11.21 10.71 8.14
N SER A 129 10.03 10.88 8.68
CA SER A 129 9.44 9.85 9.53
C SER A 129 7.95 9.68 9.22
N TRP A 130 7.39 8.58 9.73
CA TRP A 130 5.96 8.34 9.60
C TRP A 130 5.32 8.67 10.94
N ASP A 131 4.57 9.78 10.98
CA ASP A 131 4.08 10.30 12.28
C ASP A 131 2.62 9.91 12.52
N CYS A 132 2.39 8.90 13.35
CA CYS A 132 1.05 8.38 13.60
C CYS A 132 0.43 8.89 14.92
N GLY A 133 0.77 10.10 15.31
CA GLY A 133 0.01 10.84 16.27
C GLY A 133 0.66 11.01 17.57
N SER A 134 1.76 10.30 17.83
CA SER A 134 2.42 10.38 19.13
C SER A 134 3.83 9.87 18.97
N GLN A 135 4.73 10.22 19.91
CA GLN A 135 6.13 9.79 19.86
C GLN A 135 6.25 8.25 19.78
N ASP A 136 5.38 7.54 20.49
CA ASP A 136 5.42 6.07 20.49
C ASP A 136 5.16 5.53 19.07
N TYR A 137 4.29 6.22 18.36
CA TYR A 137 3.89 5.76 16.95
C TYR A 137 4.43 6.70 15.87
N LYS A 138 5.68 7.10 16.04
CA LYS A 138 6.39 7.85 15.02
C LYS A 138 7.53 6.94 14.61
N TYR A 139 7.67 6.70 13.32
CA TYR A 139 8.60 5.66 12.88
C TYR A 139 9.65 6.31 11.99
N ASP A 140 10.94 6.08 12.32
CA ASP A 140 12.01 6.62 11.51
C ASP A 140 12.87 5.51 10.94
N VAL A 141 13.91 5.88 10.20
CA VAL A 141 14.86 4.88 9.62
C VAL A 141 15.33 3.88 10.61
N THR A 142 15.74 4.35 11.78
CA THR A 142 16.21 3.49 12.82
C THR A 142 15.23 2.43 13.30
N ASP A 143 13.99 2.85 13.47
CA ASP A 143 12.88 1.97 13.87
C ASP A 143 12.77 0.88 12.82
N VAL A 144 12.82 1.24 11.53
CA VAL A 144 12.58 0.26 10.50
C VAL A 144 13.76 -0.70 10.45
N SER A 145 14.95 -0.20 10.76
CA SER A 145 16.14 -1.07 10.76
C SER A 145 16.04 -2.08 11.94
N LYS A 146 15.35 -1.74 13.00
CA LYS A 146 15.16 -2.67 14.09
C LYS A 146 13.97 -3.62 13.84
N ALA A 147 13.46 -3.65 12.64
CA ALA A 147 12.51 -4.62 12.15
C ALA A 147 13.12 -5.58 11.15
N GLY A 148 14.45 -5.44 10.93
CA GLY A 148 15.18 -6.45 10.15
C GLY A 148 15.58 -6.02 8.73
N HIS A 149 15.51 -4.73 8.47
CA HIS A 149 15.82 -4.21 7.14
CA HIS A 149 15.80 -4.18 7.14
C HIS A 149 17.02 -3.27 7.02
N THR A 150 17.77 -3.61 6.01
CA THR A 150 19.05 -2.98 5.82
C THR A 150 18.77 -1.45 5.57
N LEU A 151 19.70 -0.59 5.98
CA LEU A 151 19.56 0.85 5.69
C LEU A 151 19.52 1.08 4.18
N GLU A 152 20.09 0.16 3.39
CA GLU A 152 20.20 0.32 1.98
C GLU A 152 18.92 0.18 1.29
N LEU A 153 18.02 -0.66 1.80
CA LEU A 153 16.67 -0.77 1.25
C LEU A 153 15.69 0.19 1.86
N ILE A 154 15.96 0.58 3.09
CA ILE A 154 15.07 1.52 3.76
C ILE A 154 15.22 2.88 3.06
N GLU A 155 16.45 3.25 2.68
CA GLU A 155 16.72 4.52 2.01
C GLU A 155 15.92 4.80 0.74
N PRO A 156 15.82 3.87 -0.17
CA PRO A 156 15.02 4.08 -1.35
C PRO A 156 13.51 4.32 -0.99
N LEU A 157 13.08 3.72 0.10
CA LEU A 157 11.64 3.84 0.46
C LEU A 157 11.41 5.27 0.98
N ILE A 158 12.36 5.81 1.73
CA ILE A 158 12.26 7.21 2.24
C ILE A 158 12.29 8.17 1.05
N LYS A 159 13.19 7.91 0.09
CA LYS A 159 13.27 8.75 -1.13
C LYS A 159 11.98 8.70 -1.92
N PHE A 160 11.37 7.51 -1.97
CA PHE A 160 10.05 7.38 -2.62
C PHE A 160 8.99 8.20 -1.94
N GLN A 161 8.96 8.13 -0.63
CA GLN A 161 7.98 8.86 0.16
C GLN A 161 8.09 10.38 -0.08
N VAL A 162 9.32 10.86 -0.13
CA VAL A 162 9.61 12.28 -0.41
C VAL A 162 9.14 12.70 -1.74
N GLY A 163 9.46 11.91 -2.80
CA GLY A 163 9.03 12.23 -4.12
C GLY A 163 7.52 12.27 -4.21
N LEU A 164 6.88 11.33 -3.50
CA LEU A 164 5.41 11.23 -3.60
C LEU A 164 4.77 12.39 -2.82
N LYS A 165 5.41 12.71 -1.69
CA LYS A 165 4.87 13.78 -0.83
C LYS A 165 4.91 15.12 -1.61
N LYS A 166 6.00 15.27 -2.36
CA LYS A 166 6.23 16.47 -3.21
C LYS A 166 5.22 16.65 -4.28
N LEU A 167 4.57 15.57 -4.77
CA LEU A 167 3.46 15.70 -5.67
C LEU A 167 2.25 16.44 -5.13
N ASN A 168 2.13 16.52 -3.80
CA ASN A 168 0.98 17.20 -3.21
C ASN A 168 -0.34 16.77 -3.73
N LEU A 169 -0.56 15.46 -3.80
CA LEU A 169 -1.77 14.91 -4.44
C LEU A 169 -3.02 15.35 -3.71
N HIS A 170 -4.10 15.50 -4.48
CA HIS A 170 -5.41 15.68 -3.90
C HIS A 170 -5.82 14.31 -3.39
N GLU A 171 -6.68 14.25 -2.37
CA GLU A 171 -7.13 12.90 -1.91
C GLU A 171 -7.68 12.01 -3.06
N GLU A 172 -8.39 12.64 -4.01
CA GLU A 172 -8.98 12.00 -5.12
C GLU A 172 -7.86 11.27 -5.97
N GLU A 173 -6.77 11.95 -6.14
CA GLU A 173 -5.63 11.43 -6.91
C GLU A 173 -4.94 10.27 -6.14
N HIS A 174 -4.79 10.47 -4.82
CA HIS A 174 -4.21 9.43 -3.93
C HIS A 174 -4.95 8.11 -4.03
N VAL A 175 -6.30 8.17 -3.91
CA VAL A 175 -7.05 7.00 -3.87
C VAL A 175 -7.11 6.31 -5.23
N LEU A 176 -7.21 7.10 -6.27
CA LEU A 176 -7.20 6.56 -7.62
C LEU A 176 -5.83 5.82 -7.86
N LEU A 177 -4.76 6.38 -7.41
CA LEU A 177 -3.47 5.77 -7.61
C LEU A 177 -3.36 4.43 -6.85
N MET A 178 -3.80 4.39 -5.55
CA MET A 178 -3.89 3.11 -4.84
C MET A 178 -4.74 2.06 -5.62
N ALA A 179 -5.87 2.49 -6.21
CA ALA A 179 -6.70 1.60 -6.92
C ALA A 179 -6.02 1.09 -8.22
N ILE A 180 -5.32 2.00 -8.92
CA ILE A 180 -4.65 1.62 -10.21
C ILE A 180 -3.56 0.62 -9.93
N CYS A 181 -2.93 0.82 -8.78
CA CYS A 181 -1.91 -0.09 -8.33
C CYS A 181 -2.44 -1.49 -8.14
N ILE A 182 -3.62 -1.65 -7.48
CA ILE A 182 -4.18 -3.00 -7.17
C ILE A 182 -4.60 -3.70 -8.45
N VAL A 183 -5.26 -2.97 -9.37
CA VAL A 183 -5.79 -3.66 -10.60
C VAL A 183 -4.81 -3.56 -11.71
N SER A 184 -3.60 -4.15 -11.54
CA SER A 184 -2.63 -4.08 -12.57
C SER A 184 -2.70 -5.44 -13.34
N PRO A 185 -2.89 -5.41 -14.66
CA PRO A 185 -3.10 -6.67 -15.36
C PRO A 185 -1.79 -7.45 -15.59
N ASP A 186 -0.65 -6.87 -15.23
CA ASP A 186 0.61 -7.58 -15.53
C ASP A 186 1.12 -8.41 -14.35
N ARG A 187 0.43 -8.45 -13.21
CA ARG A 187 0.97 -9.17 -12.12
C ARG A 187 1.05 -10.67 -12.52
N PRO A 188 2.14 -11.35 -12.19
CA PRO A 188 2.24 -12.76 -12.55
C PRO A 188 1.06 -13.60 -11.98
N GLY A 189 0.49 -14.46 -12.82
CA GLY A 189 -0.53 -15.41 -12.39
C GLY A 189 -1.94 -14.97 -12.57
N VAL A 190 -2.08 -13.73 -13.04
CA VAL A 190 -3.42 -13.22 -13.40
C VAL A 190 -3.91 -14.06 -14.58
N GLN A 191 -5.14 -14.51 -14.50
CA GLN A 191 -5.79 -15.30 -15.58
C GLN A 191 -6.63 -14.42 -16.51
N ASP A 192 -7.44 -13.50 -15.98
CA ASP A 192 -8.30 -12.63 -16.84
C ASP A 192 -7.69 -11.24 -16.97
N ALA A 193 -6.50 -11.18 -17.59
CA ALA A 193 -5.77 -9.93 -17.69
C ALA A 193 -6.58 -8.84 -18.37
N LYS A 194 -7.38 -9.23 -19.37
CA LYS A 194 -8.21 -8.24 -20.04
C LYS A 194 -9.26 -7.61 -19.13
N LEU A 195 -9.89 -8.41 -18.32
CA LEU A 195 -10.91 -7.88 -17.38
C LEU A 195 -10.26 -6.91 -16.42
N VAL A 196 -9.09 -7.29 -15.92
CA VAL A 196 -8.31 -6.44 -15.01
C VAL A 196 -7.92 -5.16 -15.70
N GLU A 197 -7.45 -5.26 -16.93
CA GLU A 197 -7.09 -4.07 -17.72
C GLU A 197 -8.29 -3.14 -18.00
N ALA A 198 -9.49 -3.73 -18.15
CA ALA A 198 -10.66 -2.87 -18.42
C ALA A 198 -10.96 -1.99 -17.21
N ILE A 199 -10.90 -2.62 -16.04
CA ILE A 199 -10.96 -1.80 -14.79
C ILE A 199 -9.93 -0.75 -14.68
N GLN A 200 -8.67 -1.14 -14.74
CA GLN A 200 -7.65 -0.23 -14.61
C GLN A 200 -7.74 0.96 -15.60
N ASP A 201 -8.12 0.68 -16.83
CA ASP A 201 -8.23 1.75 -17.85
C ASP A 201 -9.33 2.80 -17.43
N ARG A 202 -10.41 2.32 -16.87
CA ARG A 202 -11.50 3.18 -16.40
C ARG A 202 -10.96 4.09 -15.26
N LEU A 203 -10.17 3.53 -14.33
CA LEU A 203 -9.54 4.31 -13.26
C LEU A 203 -8.54 5.33 -13.81
N SER A 204 -7.71 4.87 -14.75
CA SER A 204 -6.70 5.65 -15.35
C SER A 204 -7.26 6.84 -16.18
N ASN A 205 -8.30 6.60 -16.96
CA ASN A 205 -8.95 7.68 -17.72
C ASN A 205 -9.63 8.62 -16.71
N THR A 206 -10.19 8.05 -15.64
CA THR A 206 -10.75 8.90 -14.51
C THR A 206 -9.66 9.79 -13.96
N LEU A 207 -8.45 9.24 -13.68
CA LEU A 207 -7.38 10.00 -13.13
C LEU A 207 -6.92 11.11 -14.06
N GLN A 208 -6.72 10.78 -15.34
CA GLN A 208 -6.23 11.79 -16.27
C GLN A 208 -7.18 12.98 -16.40
N THR A 209 -8.45 12.68 -16.55
CA THR A 209 -9.47 13.63 -16.69
C THR A 209 -9.57 14.45 -15.41
N TYR A 210 -9.45 13.83 -14.24
CA TYR A 210 -9.47 14.61 -13.01
C TYR A 210 -8.33 15.63 -12.90
N ILE A 211 -7.11 15.26 -13.30
CA ILE A 211 -5.99 16.15 -13.14
C ILE A 211 -6.25 17.40 -14.07
N ARG A 212 -6.74 17.10 -15.25
CA ARG A 212 -7.02 18.13 -16.27
C ARG A 212 -8.16 19.06 -15.88
N CYS A 213 -9.22 18.51 -15.26
CA CYS A 213 -10.42 19.28 -14.87
C CYS A 213 -10.29 19.94 -13.54
N ARG A 214 -9.64 19.31 -12.56
CA ARG A 214 -9.68 19.79 -11.15
C ARG A 214 -8.37 20.15 -10.55
N HIS A 215 -7.28 19.79 -11.21
CA HIS A 215 -5.99 20.11 -10.59
C HIS A 215 -5.37 21.35 -11.26
N PRO A 216 -5.19 22.46 -10.52
CA PRO A 216 -4.79 23.64 -11.29
C PRO A 216 -3.31 23.64 -11.55
N PRO A 217 -2.89 24.28 -12.66
CA PRO A 217 -1.43 24.44 -12.75
C PRO A 217 -0.83 25.35 -11.67
N PRO A 218 0.49 25.25 -11.46
CA PRO A 218 1.32 24.27 -12.18
C PRO A 218 1.47 22.90 -11.48
N GLY A 219 0.75 22.68 -10.38
CA GLY A 219 0.83 21.41 -9.68
C GLY A 219 0.47 20.23 -10.59
N SER A 220 -0.42 20.46 -11.58
CA SER A 220 -0.81 19.50 -12.56
C SER A 220 0.25 19.16 -13.62
N HIS A 221 1.39 19.81 -13.57
CA HIS A 221 2.41 19.68 -14.64
C HIS A 221 2.89 18.21 -14.71
N GLN A 222 2.55 17.52 -15.79
CA GLN A 222 2.96 16.15 -16.05
C GLN A 222 2.65 15.29 -14.86
N LEU A 223 1.57 15.62 -14.19
CA LEU A 223 1.26 14.99 -12.94
C LEU A 223 0.90 13.51 -13.20
N TYR A 224 0.09 13.25 -14.20
CA TYR A 224 -0.24 11.85 -14.50
C TYR A 224 1.00 11.01 -14.71
N ALA A 225 1.93 11.53 -15.53
CA ALA A 225 3.19 10.86 -15.85
C ALA A 225 4.00 10.62 -14.62
N LYS A 226 3.98 11.57 -13.70
CA LYS A 226 4.78 11.40 -12.50
C LYS A 226 4.17 10.32 -11.57
N MET A 227 2.85 10.28 -11.51
CA MET A 227 2.10 9.35 -10.66
C MET A 227 2.39 7.91 -11.15
N ILE A 228 2.38 7.73 -12.46
CA ILE A 228 2.59 6.45 -13.09
C ILE A 228 4.01 6.03 -12.91
N GLN A 229 4.97 6.94 -13.02
CA GLN A 229 6.34 6.62 -12.61
C GLN A 229 6.46 6.06 -11.14
N LYS A 230 5.64 6.56 -10.21
CA LYS A 230 5.64 6.05 -8.81
C LYS A 230 5.26 4.61 -8.77
N LEU A 231 4.31 4.23 -9.64
CA LEU A 231 3.94 2.79 -9.74
C LEU A 231 5.11 1.91 -10.19
N ALA A 232 5.85 2.35 -11.19
CA ALA A 232 7.10 1.72 -11.57
C ALA A 232 8.13 1.67 -10.43
N ASP A 233 8.34 2.76 -9.71
CA ASP A 233 9.20 2.73 -8.57
C ASP A 233 8.75 1.71 -7.53
N LEU A 234 7.45 1.58 -7.34
CA LEU A 234 6.91 0.64 -6.39
C LEU A 234 7.20 -0.84 -6.82
N ARG A 235 7.23 -1.13 -8.12
CA ARG A 235 7.60 -2.47 -8.58
C ARG A 235 9.01 -2.83 -8.10
N SER A 236 9.90 -1.84 -8.14
CA SER A 236 11.25 -2.00 -7.70
C SER A 236 11.35 -2.18 -6.21
N LEU A 237 10.65 -1.33 -5.39
CA LEU A 237 10.66 -1.54 -3.96
C LEU A 237 10.08 -2.96 -3.58
N ASN A 238 9.07 -3.42 -4.33
CA ASN A 238 8.44 -4.72 -4.16
C ASN A 238 9.44 -5.81 -4.40
N GLU A 239 10.06 -5.78 -5.52
CA GLU A 239 11.06 -6.82 -5.86
C GLU A 239 12.16 -6.91 -4.81
N GLU A 240 12.71 -5.76 -4.44
CA GLU A 240 13.73 -5.75 -3.35
C GLU A 240 13.26 -6.25 -1.94
N HIS A 241 12.06 -5.82 -1.54
N HIS A 241 12.12 -5.84 -1.37
CA HIS A 241 11.39 -6.33 -0.35
CA HIS A 241 11.67 -6.57 -0.17
C HIS A 241 11.22 -7.86 -0.40
C HIS A 241 11.47 -8.04 -0.50
N SER A 242 10.69 -8.36 -1.53
CA SER A 242 10.42 -9.79 -1.77
C SER A 242 11.61 -10.64 -1.42
N LYS A 243 12.76 -10.25 -1.95
CA LYS A 243 13.97 -10.92 -1.58
C LYS A 243 14.32 -10.80 -0.07
N GLN A 244 14.20 -9.62 0.51
CA GLN A 244 14.51 -9.44 1.94
C GLN A 244 13.56 -10.21 2.86
N TYR A 245 12.30 -10.30 2.43
CA TYR A 245 11.29 -10.97 3.22
C TYR A 245 11.60 -12.44 3.25
N ARG A 246 11.91 -12.99 2.06
CA ARG A 246 12.31 -14.39 1.87
C ARG A 246 13.51 -14.75 2.79
N SER A 247 14.42 -13.79 3.02
CA SER A 247 15.58 -14.00 3.95
C SER A 247 15.18 -13.93 5.44
N LEU A 248 14.47 -12.86 5.77
CA LEU A 248 14.04 -12.62 7.15
C LEU A 248 13.23 -13.82 7.60
N SER A 249 12.22 -14.20 6.81
CA SER A 249 11.21 -15.17 7.27
C SER A 249 11.67 -16.62 7.09
N PHE A 250 12.63 -16.88 6.21
CA PHE A 250 13.33 -18.16 6.18
C PHE A 250 13.83 -18.58 7.58
N GLN A 251 14.11 -17.61 8.44
CA GLN A 251 14.50 -17.82 9.82
C GLN A 251 13.26 -17.99 10.69
N PRO A 252 13.11 -19.19 11.28
CA PRO A 252 11.93 -19.51 12.10
C PRO A 252 11.78 -18.54 13.34
N GLU A 253 12.88 -18.07 13.88
CA GLU A 253 12.93 -17.14 15.00
C GLU A 253 12.21 -15.83 14.59
N ASN A 254 12.40 -15.37 13.34
CA ASN A 254 11.76 -14.17 12.82
C ASN A 254 10.34 -14.40 12.39
N SER A 255 10.08 -15.54 11.77
CA SER A 255 8.78 -15.82 11.26
C SER A 255 7.80 -15.95 12.41
N MET A 256 8.32 -16.45 13.50
CA MET A 256 7.53 -16.59 14.69
C MET A 256 7.02 -15.23 15.25
N LYS A 257 7.69 -14.13 14.91
CA LYS A 257 7.29 -12.84 15.37
C LYS A 257 6.26 -12.14 14.44
N LEU A 258 5.97 -12.77 13.31
CA LEU A 258 5.03 -12.25 12.34
C LEU A 258 3.59 -12.62 12.74
N THR A 259 2.66 -12.40 11.84
CA THR A 259 1.26 -12.70 12.09
C THR A 259 0.83 -13.77 11.06
N PRO A 260 -0.29 -14.44 11.34
CA PRO A 260 -0.79 -15.40 10.46
C PRO A 260 -1.05 -14.78 9.07
N LEU A 261 -1.65 -13.57 9.06
CA LEU A 261 -2.04 -12.94 7.80
C LEU A 261 -0.80 -12.55 7.03
N VAL A 262 0.18 -11.97 7.69
CA VAL A 262 1.42 -11.65 6.97
C VAL A 262 2.05 -12.95 6.35
N LEU A 263 2.12 -14.03 7.10
CA LEU A 263 2.64 -15.25 6.57
C LEU A 263 1.84 -15.73 5.34
N GLU A 264 0.53 -15.65 5.39
CA GLU A 264 -0.32 -16.09 4.34
C GLU A 264 -0.10 -15.19 3.13
N VAL A 265 -0.04 -13.88 3.36
CA VAL A 265 0.04 -12.95 2.21
C VAL A 265 1.40 -12.81 1.56
N PHE A 266 2.48 -12.70 2.35
N PHE A 266 2.44 -12.69 2.38
CA PHE A 266 3.81 -12.56 1.83
CA PHE A 266 3.79 -12.52 1.90
C PHE A 266 4.52 -13.87 1.71
C PHE A 266 4.48 -13.86 1.68
N GLY A 267 3.96 -14.92 2.30
CA GLY A 267 4.57 -16.26 2.20
C GLY A 267 5.29 -16.72 3.50
N ASN A 268 5.37 -18.05 3.64
CA ASN A 268 6.03 -18.75 4.76
C ASN A 268 7.53 -19.07 4.54
N LYS B 1 -0.52 -22.37 -0.48
CA LYS B 1 -1.40 -22.59 -1.69
C LYS B 1 -2.83 -22.10 -1.42
N ASN B 2 -3.38 -22.47 -0.27
CA ASN B 2 -4.66 -21.90 0.14
C ASN B 2 -4.56 -20.55 0.87
N HIS B 3 -5.61 -19.74 0.75
CA HIS B 3 -5.57 -18.42 1.36
C HIS B 3 -6.84 -18.20 2.10
N PRO B 4 -7.06 -19.01 3.15
CA PRO B 4 -8.26 -18.93 3.95
C PRO B 4 -8.56 -17.54 4.50
N MET B 5 -7.57 -16.90 5.07
CA MET B 5 -7.78 -15.57 5.70
C MET B 5 -8.01 -14.51 4.70
N LEU B 6 -7.21 -14.49 3.62
CA LEU B 6 -7.44 -13.48 2.60
C LEU B 6 -8.81 -13.69 1.97
N MET B 7 -9.15 -14.95 1.70
CA MET B 7 -10.50 -15.25 1.18
C MET B 7 -11.58 -14.71 2.09
N ASN B 8 -11.52 -15.07 3.38
CA ASN B 8 -12.49 -14.55 4.31
C ASN B 8 -12.54 -13.04 4.35
N LEU B 9 -11.40 -12.30 4.24
CA LEU B 9 -11.52 -10.85 4.29
C LEU B 9 -12.14 -10.27 2.99
N LEU B 10 -12.14 -11.03 1.90
CA LEU B 10 -12.72 -10.61 0.61
C LEU B 10 -14.25 -10.83 0.58
N LYS B 11 -14.72 -12.00 1.07
CA LYS B 11 -16.18 -12.34 1.30
C LYS B 11 -16.96 -11.29 2.07
O2 YA1 C . 0.25 5.57 7.56
O2 YA1 C . 0.03 5.60 7.42
C3 YA1 C . 0.12 4.57 8.59
C3 YA1 C . 0.06 4.66 8.52
C2 YA1 C . -0.66 3.41 8.02
C2 YA1 C . -0.71 3.47 8.06
C9 YA1 C . -1.82 3.18 8.52
C9 YA1 C . -1.81 3.20 8.66
C1 YA1 C . -0.08 2.71 6.87
C1 YA1 C . -0.22 2.75 6.87
O1 YA1 C . -0.93 1.59 6.48
O1 YA1 C . -1.06 1.62 6.56
C6 YA1 C . 1.31 2.24 7.18
C6 YA1 C . 1.22 2.33 7.11
C4 YA1 C . 1.46 4.03 9.06
C4 YA1 C . 1.43 4.18 8.94
C5 YA1 C . 2.12 3.21 8.00
C5 YA1 C . 2.07 3.25 7.94
C10 YA1 C . 3.45 3.28 7.88
C10 YA1 C . 3.43 3.21 7.88
C11 YA1 C . 4.24 2.50 6.90
C11 YA1 C . 4.17 2.31 6.98
C12 YA1 C . 5.54 2.23 7.12
C12 YA1 C . 5.53 2.13 7.06
C13 YA1 C . 6.31 2.70 8.32
C13 YA1 C . 6.45 2.79 8.06
C14 YA1 C . 7.13 1.52 8.97
C14 YA1 C . 7.09 1.66 8.93
C15 YA1 C . 7.81 0.61 7.97
C15 YA1 C . 7.69 0.44 8.19
C17 YA1 C . 6.31 1.38 6.17
C17 YA1 C . 6.38 1.20 6.24
C16 YA1 C . 6.86 0.16 6.89
C16 YA1 C . 6.80 -0.01 7.06
C23 YA1 C . 5.78 -0.64 7.54
C23 YA1 C . 5.59 -0.66 7.70
C18 YA1 C . 5.68 0.86 4.91
C18 YA1 C . 5.95 0.65 4.91
C19 YA1 C . 6.64 -0.30 4.53
C19 YA1 C . 6.67 -0.71 4.79
C20 YA1 C . 7.51 -0.60 5.70
C20 YA1 C . 7.47 -0.97 6.05
C21 YA1 C . 7.72 -2.12 5.94
C21 YA1 C . 7.61 -2.43 6.62
C22 YA1 C . 8.42 -2.43 7.27
C22 YA1 C . 8.50 -2.36 7.85
C24 YA1 C . 8.47 -2.78 4.80
C24 YA1 C . 8.25 -3.57 5.82
C31 YA1 C . 8.71 -4.29 5.07
C31 YA1 C . 8.49 -3.06 4.39
C32 YA1 C . 7.41 -5.03 5.34
C32 YA1 C . 9.82 -2.33 4.45
C33 YA1 C . 6.66 -5.21 4.07
C33 YA1 C . 10.73 -2.75 3.30
C34 YA1 C . 5.69 -6.39 4.13
C34 YA1 C . 10.01 -2.69 1.99
C25 YA1 C . 9.83 -2.14 4.54
C25 YA1 C . 7.44 -4.91 5.90
C26 YA1 C . 10.56 -2.85 3.38
C26 YA1 C . 8.15 -6.23 6.31
C27 YA1 C . 11.75 -2.09 2.77
C27 YA1 C . 7.97 -6.77 7.75
C29 YA1 C . 11.29 -0.87 2.03
C29 YA1 C . 8.24 -5.69 8.79
C28 YA1 C . 12.78 -1.74 3.86
C28 YA1 C . 6.63 -7.47 7.98
O3 YA1 C . 12.38 -2.94 1.79
O3 YA1 C . 8.90 -7.81 8.01
#